data_4H0G
#
_entry.id   4H0G
#
_cell.length_a   79.980
_cell.length_b   79.980
_cell.length_c   72.300
_cell.angle_alpha   90.00
_cell.angle_beta   90.00
_cell.angle_gamma   120.00
#
_symmetry.space_group_name_H-M   'P 31 2 1'
#
loop_
_entity.id
_entity.type
_entity.pdbx_description
1 polymer '2D10 scFv'
2 non-polymer 2-AMINO-2-HYDROXYMETHYL-PROPANE-1,3-DIOL
3 water water
#
_entity_poly.entity_id   1
_entity_poly.type   'polypeptide(L)'
_entity_poly.pdbx_seq_one_letter_code
;MEIQLQQSGPELVKPGASVKISCKASGYSFTDYIMLWVKQSHGKSLEWIGNINPYYGSTSYNLKFKGKATLTVDKSSSTA
YMQLNSLTSEDSAVYYCARKNYYGSSLDYWGQGTTLTVSSAKTTGGGGSGGGGSGGGGSDVVMTQTPFSLPVSLGDQASI
SCRSSQSLVHSNGNTYLHWYLQKPGQSPKLLIYKVSNRFSGVPDRFSGSGSGTDFTLKISRVEAEDLGVYFCSQSTHVPY
TFGGGTKLEIK
;
_entity_poly.pdbx_strand_id   A
#
loop_
_chem_comp.id
_chem_comp.type
_chem_comp.name
_chem_comp.formula
TRS non-polymer 2-AMINO-2-HYDROXYMETHYL-PROPANE-1,3-DIOL 'C4 H12 N O3 1'
#
# COMPACT_ATOMS: atom_id res chain seq x y z
N MET A 1 -17.39 -9.00 12.69
CA MET A 1 -16.92 -9.25 14.09
C MET A 1 -15.88 -8.20 14.50
N GLU A 2 -14.82 -8.08 13.70
CA GLU A 2 -13.71 -7.13 13.89
C GLU A 2 -13.04 -7.08 12.52
N ILE A 3 -12.35 -5.98 12.18
CA ILE A 3 -11.73 -5.89 10.85
C ILE A 3 -10.58 -6.86 10.55
N GLN A 4 -10.74 -7.59 9.46
CA GLN A 4 -9.75 -8.57 9.00
C GLN A 4 -9.96 -8.93 7.51
N LEU A 5 -8.89 -8.87 6.73
CA LEU A 5 -8.96 -9.25 5.32
C LEU A 5 -8.15 -10.53 5.23
N GLN A 6 -8.79 -11.60 4.78
CA GLN A 6 -8.11 -12.87 4.71
C GLN A 6 -7.72 -13.32 3.31
N GLN A 7 -6.47 -13.07 2.94
CA GLN A 7 -5.97 -13.44 1.63
C GLN A 7 -5.63 -14.92 1.52
N SER A 8 -5.58 -15.41 0.28
CA SER A 8 -5.30 -16.81 -0.04
C SER A 8 -3.86 -17.23 0.25
N GLY A 9 -3.66 -18.54 0.40
CA GLY A 9 -2.34 -19.05 0.71
C GLY A 9 -1.32 -18.74 -0.35
N PRO A 10 -0.04 -19.10 -0.15
CA PRO A 10 1.02 -18.84 -1.13
C PRO A 10 0.89 -19.69 -2.40
N GLU A 11 1.08 -19.07 -3.56
CA GLU A 11 0.99 -19.75 -4.84
C GLU A 11 2.37 -20.04 -5.41
N LEU A 12 2.43 -21.03 -6.28
CA LEU A 12 3.66 -21.40 -6.94
C LEU A 12 3.22 -21.91 -8.30
N VAL A 13 3.41 -21.08 -9.33
CA VAL A 13 2.99 -21.45 -10.66
C VAL A 13 4.07 -21.26 -11.69
N LYS A 14 3.94 -21.98 -12.79
CA LYS A 14 4.91 -21.89 -13.87
C LYS A 14 4.43 -20.86 -14.89
N PRO A 15 5.37 -20.23 -15.60
CA PRO A 15 5.07 -19.22 -16.62
C PRO A 15 3.98 -19.60 -17.60
N GLY A 16 3.12 -18.63 -17.91
CA GLY A 16 2.04 -18.87 -18.86
C GLY A 16 0.76 -19.20 -18.10
N ALA A 17 0.88 -19.53 -16.82
CA ALA A 17 -0.27 -19.87 -16.01
C ALA A 17 -0.96 -18.61 -15.53
N SER A 18 -2.13 -18.81 -14.94
CA SER A 18 -2.91 -17.72 -14.39
C SER A 18 -3.11 -18.07 -12.93
N VAL A 19 -3.41 -17.06 -12.13
CA VAL A 19 -3.68 -17.28 -10.74
C VAL A 19 -4.84 -16.38 -10.37
N LYS A 20 -5.52 -16.76 -9.28
CA LYS A 20 -6.66 -16.02 -8.75
C LYS A 20 -6.48 -15.92 -7.24
N ILE A 21 -6.08 -14.75 -6.75
CA ILE A 21 -5.87 -14.54 -5.32
C ILE A 21 -7.15 -14.01 -4.70
N SER A 22 -7.50 -14.56 -3.55
CA SER A 22 -8.73 -14.20 -2.85
C SER A 22 -8.50 -13.29 -1.66
N CYS A 23 -9.53 -12.52 -1.33
CA CYS A 23 -9.44 -11.64 -0.17
C CYS A 23 -10.74 -11.60 0.62
N LYS A 24 -10.81 -12.43 1.66
CA LYS A 24 -11.97 -12.53 2.54
C LYS A 24 -12.05 -11.37 3.51
N ALA A 25 -13.16 -10.66 3.48
CA ALA A 25 -13.38 -9.53 4.37
C ALA A 25 -14.38 -9.88 5.47
N SER A 26 -14.09 -9.40 6.68
CA SER A 26 -14.95 -9.63 7.83
C SER A 26 -14.71 -8.58 8.90
N GLY A 27 -15.79 -8.14 9.53
CA GLY A 27 -15.67 -7.12 10.55
C GLY A 27 -16.29 -5.82 10.07
N TYR A 28 -16.75 -5.80 8.81
CA TYR A 28 -17.36 -4.61 8.22
C TYR A 28 -18.26 -4.89 7.01
N SER A 29 -18.93 -3.85 6.49
CA SER A 29 -19.82 -4.02 5.34
C SER A 29 -19.06 -3.99 4.02
N PHE A 30 -19.01 -5.15 3.38
CA PHE A 30 -18.30 -5.35 2.13
C PHE A 30 -18.59 -4.41 0.95
N THR A 31 -19.85 -4.05 0.74
CA THR A 31 -20.20 -3.18 -0.37
C THR A 31 -20.01 -1.71 -0.07
N ASP A 32 -19.75 -1.37 1.19
CA ASP A 32 -19.58 0.02 1.61
C ASP A 32 -18.17 0.59 1.46
N TYR A 33 -17.25 -0.21 0.93
CA TYR A 33 -15.86 0.23 0.75
C TYR A 33 -15.19 -0.29 -0.50
N ILE A 34 -14.25 0.51 -0.98
CA ILE A 34 -13.47 0.18 -2.16
C ILE A 34 -12.36 -0.76 -1.74
N MET A 35 -12.15 -1.83 -2.50
CA MET A 35 -11.05 -2.74 -2.20
C MET A 35 -9.95 -2.41 -3.18
N LEU A 36 -8.80 -2.10 -2.62
CA LEU A 36 -7.63 -1.72 -3.39
C LEU A 36 -6.56 -2.81 -3.26
N TRP A 37 -5.91 -3.16 -4.37
CA TRP A 37 -4.87 -4.16 -4.36
C TRP A 37 -3.53 -3.48 -4.58
N VAL A 38 -2.47 -4.08 -4.01
CA VAL A 38 -1.13 -3.53 -4.10
C VAL A 38 -0.09 -4.61 -4.40
N LYS A 39 0.92 -4.22 -5.16
CA LYS A 39 2.00 -5.14 -5.48
C LYS A 39 3.26 -4.65 -4.80
N GLN A 40 3.94 -5.56 -4.11
CA GLN A 40 5.19 -5.23 -3.45
C GLN A 40 6.13 -6.28 -3.90
N SER A 41 7.15 -5.81 -4.59
CA SER A 41 8.17 -6.66 -5.16
C SER A 41 9.38 -6.34 -4.43
N HIS A 42 10.14 -7.27 -3.87
CA HIS A 42 11.25 -6.63 -3.25
C HIS A 42 12.30 -6.43 -4.21
N GLY A 43 12.27 -5.12 -4.46
CA GLY A 43 12.97 -4.55 -5.56
C GLY A 43 12.03 -3.47 -6.23
N LYS A 44 10.91 -2.97 -5.62
CA LYS A 44 10.17 -1.69 -6.12
C LYS A 44 9.29 -1.47 -4.96
N SER A 45 9.77 -1.49 -3.76
CA SER A 45 8.58 -1.90 -3.07
C SER A 45 7.10 -1.64 -3.33
N LEU A 46 6.48 -0.50 -3.15
CA LEU A 46 5.03 -0.61 -3.31
C LEU A 46 4.32 0.02 -4.51
N GLU A 47 3.44 -0.74 -5.18
CA GLU A 47 2.74 -0.21 -6.35
C GLU A 47 1.23 -0.42 -6.28
N TRP A 48 0.46 0.62 -6.58
CA TRP A 48 -0.98 0.51 -6.60
C TRP A 48 -1.38 -0.27 -7.85
N ILE A 49 -2.13 -1.35 -7.69
CA ILE A 49 -2.57 -2.13 -8.84
C ILE A 49 -3.90 -1.64 -9.41
N GLY A 50 -4.90 -1.51 -8.53
CA GLY A 50 -6.20 -1.06 -8.99
C GLY A 50 -7.14 -0.92 -7.82
N ASN A 51 -8.38 -0.54 -8.13
CA ASN A 51 -9.44 -0.35 -7.15
C ASN A 51 -10.68 -1.06 -7.66
N ILE A 52 -11.57 -1.42 -6.75
CA ILE A 52 -12.82 -2.03 -7.16
C ILE A 52 -13.88 -1.58 -6.16
N ASN A 53 -15.07 -1.26 -6.68
CA ASN A 53 -16.17 -0.88 -5.81
C ASN A 53 -17.00 -2.16 -5.80
N PRO A 54 -17.08 -2.83 -4.65
CA PRO A 54 -17.83 -4.09 -4.48
C PRO A 54 -19.29 -3.89 -4.89
N TYR A 55 -19.80 -2.77 -4.39
CA TYR A 55 -21.16 -2.32 -4.59
C TYR A 55 -21.62 -2.27 -6.05
N TYR A 56 -20.99 -1.43 -6.87
CA TYR A 56 -21.39 -1.35 -8.28
C TYR A 56 -20.53 -2.28 -9.14
N GLY A 57 -19.45 -2.78 -8.57
CA GLY A 57 -18.56 -3.68 -9.30
C GLY A 57 -17.65 -2.96 -10.29
N SER A 58 -17.62 -1.64 -10.21
CA SER A 58 -16.80 -0.83 -11.11
C SER A 58 -15.32 -0.89 -10.74
N THR A 59 -14.47 -1.02 -11.75
CA THR A 59 -13.03 -1.11 -11.50
C THR A 59 -12.25 0.13 -11.96
N SER A 60 -10.98 0.17 -11.61
CA SER A 60 -10.11 1.29 -11.97
C SER A 60 -8.68 0.79 -11.82
N TYR A 61 -7.92 0.84 -12.91
CA TYR A 61 -6.57 0.33 -12.89
C TYR A 61 -5.45 1.34 -13.10
N ASN A 62 -4.25 0.84 -12.80
CA ASN A 62 -3.02 1.58 -12.98
C ASN A 62 -2.63 1.03 -14.36
N LEU A 63 -2.36 1.93 -15.31
CA LEU A 63 -2.00 1.53 -16.68
C LEU A 63 -1.06 0.36 -16.73
N LYS A 64 -0.05 0.43 -15.88
CA LYS A 64 0.96 -0.59 -15.78
C LYS A 64 0.36 -1.98 -15.64
N PHE A 65 -0.77 -2.09 -14.94
CA PHE A 65 -1.38 -3.41 -14.72
C PHE A 65 -2.67 -3.72 -15.49
N LYS A 66 -3.30 -2.69 -16.06
CA LYS A 66 -4.51 -2.89 -16.81
C LYS A 66 -4.24 -3.79 -18.00
N GLY A 67 -4.94 -4.92 -18.06
CA GLY A 67 -4.74 -5.86 -19.15
C GLY A 67 -4.04 -7.10 -18.65
N LYS A 68 -3.72 -7.11 -17.35
CA LYS A 68 -3.05 -8.26 -16.79
C LYS A 68 -3.62 -8.69 -15.45
N ALA A 69 -4.30 -7.77 -14.79
CA ALA A 69 -4.93 -8.02 -13.51
C ALA A 69 -6.42 -7.79 -13.69
N THR A 70 -7.25 -8.69 -13.19
CA THR A 70 -8.69 -8.52 -13.31
C THR A 70 -9.28 -8.59 -11.93
N LEU A 71 -9.93 -7.52 -11.52
CA LEU A 71 -10.52 -7.47 -10.21
C LEU A 71 -12.02 -7.72 -10.30
N THR A 72 -12.48 -8.76 -9.61
CA THR A 72 -13.89 -9.07 -9.57
C THR A 72 -14.18 -9.25 -8.11
N VAL A 73 -15.45 -9.16 -7.78
CA VAL A 73 -15.85 -9.33 -6.41
C VAL A 73 -17.02 -10.32 -6.40
N ASP A 74 -17.28 -10.93 -5.26
CA ASP A 74 -18.40 -11.83 -5.12
C ASP A 74 -18.95 -11.40 -3.79
N LYS A 75 -20.19 -10.96 -3.80
CA LYS A 75 -20.83 -10.41 -2.61
C LYS A 75 -21.50 -11.28 -1.54
N SER A 76 -22.15 -12.39 -1.90
CA SER A 76 -22.78 -13.21 -0.85
C SER A 76 -21.64 -13.47 0.12
N SER A 77 -20.58 -14.08 -0.44
CA SER A 77 -19.36 -14.31 0.30
C SER A 77 -18.84 -12.88 0.26
N SER A 78 -18.16 -12.44 1.30
CA SER A 78 -17.65 -11.08 1.30
C SER A 78 -16.21 -11.07 0.79
N THR A 79 -16.02 -11.45 -0.47
CA THR A 79 -14.67 -11.52 -1.00
C THR A 79 -14.37 -10.84 -2.33
N ALA A 80 -13.14 -10.33 -2.39
CA ALA A 80 -12.61 -9.66 -3.57
C ALA A 80 -11.55 -10.57 -4.18
N TYR A 81 -11.51 -10.62 -5.50
CA TYR A 81 -10.54 -11.45 -6.18
C TYR A 81 -9.75 -10.65 -7.18
N MET A 82 -8.47 -10.99 -7.30
CA MET A 82 -7.61 -10.37 -8.26
C MET A 82 -7.02 -11.52 -9.06
N GLN A 83 -7.19 -11.46 -10.36
CA GLN A 83 -6.63 -12.50 -11.21
C GLN A 83 -5.47 -11.96 -12.04
N LEU A 84 -4.44 -12.79 -12.19
CA LEU A 84 -3.23 -12.44 -12.93
C LEU A 84 -3.05 -13.41 -14.08
N ASN A 85 -2.89 -12.86 -15.28
CA ASN A 85 -2.78 -13.71 -16.45
C ASN A 85 -1.42 -13.71 -17.12
N SER A 86 -1.14 -14.79 -17.84
CA SER A 86 0.13 -14.93 -18.52
C SER A 86 1.22 -14.52 -17.54
N LEU A 87 1.48 -15.37 -16.55
CA LEU A 87 2.49 -15.09 -15.54
C LEU A 87 3.93 -15.24 -16.02
N THR A 88 4.81 -14.39 -15.49
CA THR A 88 6.22 -14.42 -15.81
C THR A 88 6.98 -14.18 -14.52
N SER A 89 8.26 -14.49 -14.51
CA SER A 89 9.06 -14.28 -13.30
C SER A 89 8.98 -12.83 -12.79
N GLU A 90 8.52 -11.92 -13.63
CA GLU A 90 8.38 -10.50 -13.25
C GLU A 90 7.23 -10.35 -12.26
N ASP A 91 6.23 -11.20 -12.43
CA ASP A 91 5.07 -11.14 -11.58
C ASP A 91 5.31 -11.63 -10.16
N SER A 92 6.41 -12.36 -9.95
CA SER A 92 6.74 -12.86 -8.62
C SER A 92 6.84 -11.72 -7.63
N ALA A 93 6.10 -11.84 -6.52
CA ALA A 93 6.12 -10.80 -5.49
C ALA A 93 5.02 -11.07 -4.45
N VAL A 94 4.84 -10.12 -3.54
CA VAL A 94 3.82 -10.22 -2.51
C VAL A 94 2.70 -9.26 -2.87
N TYR A 95 1.47 -9.77 -2.89
CA TYR A 95 0.34 -8.94 -3.22
C TYR A 95 -0.54 -8.71 -2.01
N TYR A 96 -0.88 -7.46 -1.75
CA TYR A 96 -1.73 -7.15 -0.63
C TYR A 96 -3.12 -6.75 -1.06
N CYS A 97 -4.02 -6.96 -0.11
CA CYS A 97 -5.42 -6.65 -0.21
C CYS A 97 -5.50 -5.44 0.70
N ALA A 98 -6.27 -4.43 0.30
CA ALA A 98 -6.37 -3.25 1.13
C ALA A 98 -7.69 -2.52 0.99
N ARG A 99 -8.32 -2.25 2.13
CA ARG A 99 -9.58 -1.54 2.13
C ARG A 99 -9.26 -0.06 2.22
N LYS A 100 -9.94 0.73 1.39
CA LYS A 100 -9.74 2.17 1.36
C LYS A 100 -11.04 2.84 1.76
N ASN A 101 -10.95 3.74 2.72
CA ASN A 101 -12.10 4.46 3.18
C ASN A 101 -12.26 5.70 2.31
N TYR A 102 -13.37 6.41 2.53
CA TYR A 102 -13.65 7.62 1.78
C TYR A 102 -13.22 8.90 2.50
N TYR A 103 -13.52 8.98 3.79
CA TYR A 103 -13.16 10.17 4.56
C TYR A 103 -11.67 10.53 4.48
N GLY A 104 -10.81 9.53 4.49
CA GLY A 104 -9.38 9.83 4.43
C GLY A 104 -8.68 9.37 3.17
N SER A 105 -9.39 8.65 2.32
CA SER A 105 -8.83 8.13 1.08
C SER A 105 -7.56 7.34 1.37
N SER A 106 -7.52 6.73 2.56
CA SER A 106 -6.37 5.93 2.98
C SER A 106 -6.70 4.45 3.10
N LEU A 107 -5.65 3.65 3.23
CA LEU A 107 -5.77 2.20 3.39
C LEU A 107 -5.70 1.97 4.90
N ASP A 108 -6.86 1.71 5.53
CA ASP A 108 -6.84 1.51 6.97
C ASP A 108 -6.75 0.08 7.44
N TYR A 109 -7.02 -0.89 6.58
CA TYR A 109 -6.92 -2.28 6.98
C TYR A 109 -6.46 -3.20 5.83
N TRP A 110 -5.23 -3.70 5.96
CA TRP A 110 -4.61 -4.57 4.95
C TRP A 110 -4.70 -6.07 5.19
N GLY A 111 -4.54 -6.84 4.11
CA GLY A 111 -4.55 -8.28 4.20
C GLY A 111 -3.19 -8.74 4.67
N GLN A 112 -3.04 -10.00 5.05
CA GLN A 112 -1.74 -10.48 5.53
C GLN A 112 -0.78 -10.58 4.34
N GLY A 113 -1.33 -10.83 3.16
CA GLY A 113 -0.51 -10.92 1.97
C GLY A 113 -0.45 -12.31 1.38
N THR A 114 -0.23 -12.37 0.07
CA THR A 114 -0.10 -13.64 -0.62
C THR A 114 1.22 -13.59 -1.37
N THR A 115 2.09 -14.55 -1.10
CA THR A 115 3.36 -14.61 -1.82
C THR A 115 3.09 -15.43 -3.07
N LEU A 116 3.52 -14.90 -4.21
CA LEU A 116 3.36 -15.62 -5.46
C LEU A 116 4.73 -15.77 -6.04
N THR A 117 5.07 -17.00 -6.38
CA THR A 117 6.35 -17.32 -6.97
C THR A 117 6.09 -17.91 -8.33
N VAL A 118 6.53 -17.21 -9.38
CA VAL A 118 6.36 -17.73 -10.73
C VAL A 118 7.67 -18.48 -11.01
N SER A 119 7.56 -19.77 -11.24
CA SER A 119 8.75 -20.57 -11.48
C SER A 119 8.43 -21.87 -12.22
N SER A 120 9.43 -22.37 -12.93
CA SER A 120 9.28 -23.60 -13.69
C SER A 120 9.62 -24.83 -12.84
N ALA A 121 10.19 -24.63 -11.65
CA ALA A 121 10.60 -25.76 -10.78
C ALA A 121 9.81 -25.96 -9.48
N LYS A 122 9.43 -27.23 -9.32
CA LYS A 122 8.56 -27.62 -8.22
C LYS A 122 8.46 -27.08 -6.82
N THR A 123 9.57 -26.76 -6.19
CA THR A 123 9.45 -26.29 -4.81
C THR A 123 10.08 -24.93 -4.63
N THR A 124 9.65 -24.24 -3.55
CA THR A 124 10.10 -22.85 -3.34
C THR A 124 11.46 -22.37 -3.62
N GLY A 125 12.44 -22.91 -2.89
CA GLY A 125 13.79 -22.41 -3.06
C GLY A 125 14.66 -22.69 -1.84
N GLY A 135 4.98 7.11 -25.63
CA GLY A 135 4.18 7.80 -26.63
C GLY A 135 3.43 8.95 -26.00
N GLY A 136 4.15 10.02 -25.69
CA GLY A 136 3.53 11.17 -25.06
C GLY A 136 3.11 10.73 -23.66
N GLY A 137 1.82 10.84 -23.34
CA GLY A 137 1.35 10.40 -22.04
C GLY A 137 1.37 11.40 -20.88
N GLY A 138 0.53 11.13 -19.90
CA GLY A 138 0.42 11.99 -18.72
C GLY A 138 1.31 11.59 -17.56
N SER A 139 1.95 12.58 -16.95
CA SER A 139 2.87 12.36 -15.84
C SER A 139 2.25 11.93 -14.50
N ASP A 140 2.79 10.85 -13.93
CA ASP A 140 2.33 10.33 -12.65
C ASP A 140 3.16 10.97 -11.56
N VAL A 141 2.54 11.26 -10.43
CA VAL A 141 3.23 11.91 -9.33
C VAL A 141 4.26 10.99 -8.68
N VAL A 142 5.52 11.39 -8.77
CA VAL A 142 6.60 10.62 -8.19
C VAL A 142 6.73 11.05 -6.74
N MET A 143 7.00 10.11 -5.86
CA MET A 143 7.16 10.43 -4.44
C MET A 143 8.58 10.12 -3.99
N THR A 144 9.40 11.16 -3.86
CA THR A 144 10.78 10.98 -3.43
C THR A 144 10.87 10.99 -1.91
N GLN A 145 11.35 9.91 -1.33
CA GLN A 145 11.47 9.83 0.11
C GLN A 145 12.93 9.90 0.57
N THR A 146 13.20 10.72 1.58
CA THR A 146 14.56 10.87 2.12
C THR A 146 14.65 11.26 3.58
N PRO A 147 15.65 10.73 4.28
CA PRO A 147 16.56 9.79 3.59
C PRO A 147 16.03 8.35 3.68
N PHE A 148 16.37 7.55 2.68
CA PHE A 148 15.90 6.16 2.58
C PHE A 148 16.41 5.09 3.54
N SER A 149 17.26 5.49 4.47
CA SER A 149 17.77 4.58 5.48
C SER A 149 18.22 5.58 6.49
N LEU A 150 17.72 5.43 7.71
CA LEU A 150 18.08 6.33 8.76
C LEU A 150 18.54 5.47 9.91
N PRO A 151 19.86 5.26 10.00
CA PRO A 151 20.45 4.45 11.06
C PRO A 151 20.38 5.30 12.31
N VAL A 152 20.03 4.68 13.42
CA VAL A 152 19.91 5.43 14.65
C VAL A 152 20.41 4.70 15.87
N SER A 153 20.28 5.39 16.99
CA SER A 153 20.58 4.89 18.31
C SER A 153 19.22 5.21 18.91
N LEU A 154 18.52 4.23 19.46
CA LEU A 154 17.20 4.49 20.02
C LEU A 154 17.29 5.79 20.82
N GLY A 155 16.22 6.58 20.82
CA GLY A 155 16.23 7.81 21.58
C GLY A 155 16.35 9.10 20.79
N ASP A 156 17.25 9.14 19.81
CA ASP A 156 17.40 10.37 19.02
C ASP A 156 16.23 10.67 18.07
N GLN A 157 16.06 11.96 17.78
CA GLN A 157 15.00 12.43 16.91
C GLN A 157 15.18 11.97 15.46
N ALA A 158 14.07 11.61 14.83
CA ALA A 158 14.09 11.14 13.46
C ALA A 158 13.10 11.94 12.62
N SER A 159 13.54 12.38 11.45
CA SER A 159 12.65 13.12 10.59
C SER A 159 12.91 12.78 9.12
N ILE A 160 11.90 12.14 8.54
CA ILE A 160 11.91 11.70 7.15
C ILE A 160 11.16 12.75 6.35
N SER A 161 11.44 12.83 5.05
CA SER A 161 10.69 13.76 4.25
C SER A 161 10.40 13.13 2.91
N CYS A 162 9.14 13.23 2.53
CA CYS A 162 8.58 12.69 1.31
C CYS A 162 8.32 13.93 0.46
N ARG A 163 8.89 13.97 -0.75
CA ARG A 163 8.67 15.13 -1.60
C ARG A 163 7.79 14.71 -2.78
N SER A 164 6.83 15.55 -3.14
CA SER A 164 5.90 15.21 -4.23
C SER A 164 6.20 16.00 -5.52
N SER A 165 6.38 15.26 -6.62
CA SER A 165 6.72 15.95 -7.86
C SER A 165 5.84 17.14 -8.08
N GLN A 166 4.64 17.05 -7.55
CA GLN A 166 3.70 18.16 -7.67
C GLN A 166 2.73 18.33 -6.49
N SER A 167 2.13 19.50 -6.32
CA SER A 167 1.28 19.72 -5.15
C SER A 167 0.20 18.66 -4.93
N LEU A 168 0.06 18.24 -3.69
CA LEU A 168 -0.91 17.22 -3.31
C LEU A 168 -2.20 17.83 -2.82
N VAL A 169 -2.30 19.14 -2.93
CA VAL A 169 -3.51 19.81 -2.48
C VAL A 169 -4.67 19.48 -3.40
N HIS A 170 -5.78 19.07 -2.80
CA HIS A 170 -6.99 18.69 -3.51
C HIS A 170 -8.02 19.82 -3.59
N SER A 171 -8.82 19.78 -4.64
CA SER A 171 -9.85 20.78 -4.87
C SER A 171 -10.70 21.08 -3.65
N ASN A 172 -10.94 20.06 -2.84
CA ASN A 172 -11.77 20.23 -1.65
C ASN A 172 -11.03 20.80 -0.43
N GLY A 173 -9.78 21.21 -0.61
CA GLY A 173 -9.02 21.78 0.50
C GLY A 173 -8.14 20.82 1.26
N ASN A 174 -8.39 19.51 1.12
CA ASN A 174 -7.62 18.49 1.81
C ASN A 174 -6.34 18.17 1.06
N THR A 175 -5.45 17.44 1.71
CA THR A 175 -4.18 17.02 1.13
C THR A 175 -3.99 15.54 1.49
N TYR A 176 -4.23 14.68 0.52
CA TYR A 176 -4.14 13.22 0.72
C TYR A 176 -2.77 12.55 0.69
N LEU A 177 -1.95 12.88 1.69
CA LEU A 177 -0.62 12.30 1.84
C LEU A 177 -0.69 11.47 3.11
N HIS A 178 -0.37 10.19 2.99
CA HIS A 178 -0.42 9.32 4.16
C HIS A 178 0.92 8.65 4.43
N TRP A 179 1.13 8.29 5.70
CA TRP A 179 2.34 7.60 6.14
C TRP A 179 1.93 6.22 6.64
N TYR A 180 2.68 5.22 6.23
CA TYR A 180 2.44 3.85 6.63
C TYR A 180 3.76 3.34 7.19
N LEU A 181 3.68 2.32 8.01
CA LEU A 181 4.90 1.73 8.58
C LEU A 181 4.75 0.26 8.37
N GLN A 182 5.78 -0.35 7.80
CA GLN A 182 5.76 -1.79 7.56
C GLN A 182 6.90 -2.41 8.34
N LYS A 183 6.60 -3.47 9.07
CA LYS A 183 7.61 -4.15 9.85
C LYS A 183 8.03 -5.34 9.03
N PRO A 184 9.32 -5.73 9.12
CA PRO A 184 9.74 -6.88 8.34
C PRO A 184 8.79 -7.98 8.74
N GLY A 185 8.23 -8.71 7.79
CA GLY A 185 7.32 -9.77 8.16
C GLY A 185 5.90 -9.58 7.66
N GLN A 186 5.15 -8.62 8.22
CA GLN A 186 3.77 -8.40 7.79
C GLN A 186 3.44 -7.17 6.93
N SER A 187 2.14 -6.96 6.77
CA SER A 187 1.61 -5.89 5.96
C SER A 187 1.82 -4.48 6.50
N PRO A 188 1.76 -3.47 5.61
CA PRO A 188 1.94 -2.08 6.02
C PRO A 188 0.79 -1.67 6.93
N LYS A 189 1.03 -0.65 7.75
CA LYS A 189 0.03 -0.17 8.69
C LYS A 189 -0.03 1.34 8.62
N LEU A 190 -1.26 1.87 8.67
CA LEU A 190 -1.49 3.30 8.61
C LEU A 190 -1.14 3.98 9.91
N LEU A 191 -0.22 4.93 9.81
CA LEU A 191 0.24 5.74 10.92
C LEU A 191 -0.53 7.04 10.88
N ILE A 192 -0.37 7.76 9.77
CA ILE A 192 -1.01 9.05 9.57
C ILE A 192 -1.73 9.16 8.23
N TYR A 193 -2.88 9.86 8.25
CA TYR A 193 -3.66 10.09 7.04
C TYR A 193 -3.83 11.60 6.88
N LYS A 194 -3.96 12.03 5.63
CA LYS A 194 -4.13 13.45 5.31
C LYS A 194 -3.11 14.38 5.97
N VAL A 195 -1.82 14.08 5.76
CA VAL A 195 -0.72 14.87 6.30
C VAL A 195 -0.42 14.75 7.80
N SER A 196 -1.42 15.01 8.67
CA SER A 196 -1.17 14.95 10.12
C SER A 196 -2.21 14.36 11.06
N ASN A 197 -3.06 13.45 10.58
CA ASN A 197 -4.05 12.87 11.48
C ASN A 197 -3.75 11.42 11.89
N ARG A 198 -3.30 11.25 13.13
CA ARG A 198 -2.98 9.93 13.67
C ARG A 198 -4.20 9.04 13.54
N PHE A 199 -3.98 7.82 13.06
CA PHE A 199 -5.07 6.89 12.84
C PHE A 199 -5.45 6.11 14.09
N SER A 200 -6.67 5.57 14.12
CA SER A 200 -7.15 4.79 15.27
C SER A 200 -5.99 3.92 15.73
N GLY A 201 -5.48 4.22 16.92
CA GLY A 201 -4.35 3.50 17.45
C GLY A 201 -3.19 4.47 17.34
N VAL A 202 -2.05 3.97 16.89
CA VAL A 202 -0.90 4.82 16.72
C VAL A 202 -0.45 5.40 18.03
N PRO A 203 0.86 5.73 18.12
CA PRO A 203 1.58 6.34 19.26
C PRO A 203 1.37 7.83 19.04
N ASP A 204 1.72 8.67 20.02
CA ASP A 204 1.55 10.11 19.82
C ASP A 204 2.88 10.77 19.59
N ARG A 205 3.98 10.03 19.63
CA ARG A 205 5.26 10.68 19.39
C ARG A 205 5.45 10.83 17.89
N PHE A 206 4.46 10.31 17.15
CA PHE A 206 4.44 10.42 15.70
C PHE A 206 3.62 11.65 15.27
N SER A 207 4.22 12.51 14.44
CA SER A 207 3.52 13.70 13.97
C SER A 207 3.92 14.08 12.54
N GLY A 208 2.94 14.25 11.66
CA GLY A 208 3.23 14.63 10.30
C GLY A 208 2.98 16.11 10.06
N SER A 209 3.85 16.76 9.28
CA SER A 209 3.70 18.17 8.99
C SER A 209 3.96 18.45 7.51
N GLY A 210 4.14 19.73 7.18
CA GLY A 210 4.42 20.11 5.81
C GLY A 210 3.21 20.24 4.91
N SER A 211 3.36 21.00 3.83
CA SER A 211 2.28 21.21 2.88
C SER A 211 2.81 21.24 1.44
N GLY A 212 1.89 21.53 0.51
CA GLY A 212 2.25 21.62 -0.89
C GLY A 212 2.99 20.45 -1.47
N THR A 213 4.32 20.56 -1.51
CA THR A 213 5.16 19.51 -2.07
C THR A 213 6.15 18.94 -1.06
N ASP A 214 6.31 19.63 0.06
CA ASP A 214 7.24 19.19 1.09
C ASP A 214 6.53 18.67 2.32
N PHE A 215 6.71 17.38 2.58
CA PHE A 215 6.09 16.75 3.73
C PHE A 215 7.17 16.12 4.59
N THR A 216 6.84 15.89 5.86
CA THR A 216 7.80 15.34 6.82
C THR A 216 7.11 14.60 7.92
N LEU A 217 7.62 13.42 8.28
CA LEU A 217 7.08 12.66 9.39
C LEU A 217 8.11 12.90 10.49
N LYS A 218 7.68 12.80 11.74
CA LYS A 218 8.59 13.01 12.88
C LYS A 218 8.39 12.10 14.07
N ILE A 219 9.52 11.70 14.65
CA ILE A 219 9.60 10.85 15.82
C ILE A 219 10.71 11.50 16.66
N SER A 220 10.34 12.44 17.53
CA SER A 220 11.31 13.17 18.36
C SER A 220 12.14 12.30 19.29
N ARG A 221 11.81 11.02 19.29
CA ARG A 221 12.53 10.01 20.07
C ARG A 221 12.18 8.66 19.43
N VAL A 222 13.16 8.04 18.78
CA VAL A 222 12.90 6.75 18.14
C VAL A 222 12.98 5.57 19.11
N GLU A 223 11.92 4.77 19.12
CA GLU A 223 11.84 3.58 19.94
C GLU A 223 12.01 2.38 19.02
N ALA A 224 12.26 1.22 19.62
CA ALA A 224 12.46 -0.02 18.86
C ALA A 224 11.23 -0.45 18.04
N GLU A 225 10.05 -0.37 18.65
CA GLU A 225 8.79 -0.76 18.00
C GLU A 225 8.51 0.10 16.78
N ASP A 226 9.39 1.05 16.52
CA ASP A 226 9.22 1.97 15.41
C ASP A 226 10.31 1.82 14.34
N LEU A 227 10.97 0.66 14.32
CA LEU A 227 11.99 0.39 13.33
C LEU A 227 11.32 -0.39 12.20
N GLY A 228 11.58 0.04 10.98
CA GLY A 228 11.00 -0.60 9.84
C GLY A 228 11.09 0.34 8.67
N VAL A 229 10.26 0.09 7.67
CA VAL A 229 10.26 0.95 6.50
C VAL A 229 9.02 1.84 6.57
N TYR A 230 9.25 3.12 6.40
CA TYR A 230 8.21 4.12 6.43
C TYR A 230 7.85 4.48 5.03
N PHE A 231 6.56 4.36 4.73
CA PHE A 231 6.11 4.68 3.40
C PHE A 231 5.10 5.80 3.38
N CYS A 232 5.35 6.79 2.54
CA CYS A 232 4.40 7.86 2.40
C CYS A 232 3.65 7.49 1.12
N SER A 233 2.42 7.94 1.02
CA SER A 233 1.58 7.63 -0.12
C SER A 233 0.69 8.82 -0.44
N GLN A 234 0.46 9.05 -1.73
CA GLN A 234 -0.41 10.14 -2.14
C GLN A 234 -1.61 9.53 -2.85
N SER A 235 -2.80 10.03 -2.55
CA SER A 235 -3.99 9.54 -3.22
C SER A 235 -4.86 10.74 -3.68
N THR A 236 -4.18 11.87 -3.87
CA THR A 236 -4.83 13.08 -4.38
C THR A 236 -4.89 12.86 -5.90
N HIS A 237 -3.86 12.21 -6.45
CA HIS A 237 -3.81 11.93 -7.88
C HIS A 237 -3.82 10.44 -8.18
N VAL A 238 -4.30 10.12 -9.38
CA VAL A 238 -4.37 8.77 -9.86
C VAL A 238 -3.32 8.73 -10.96
N PRO A 239 -2.49 7.68 -11.00
CA PRO A 239 -2.48 6.52 -10.10
C PRO A 239 -2.07 6.91 -8.69
N TYR A 240 -2.53 6.13 -7.71
CA TYR A 240 -2.13 6.38 -6.33
C TYR A 240 -0.67 5.99 -6.38
N THR A 241 0.15 6.72 -5.65
CA THR A 241 1.56 6.46 -5.74
C THR A 241 2.27 6.44 -4.38
N PHE A 242 3.30 5.59 -4.26
CA PHE A 242 4.04 5.51 -3.02
C PHE A 242 5.49 5.97 -3.17
N GLY A 243 6.04 6.49 -2.07
CA GLY A 243 7.42 6.94 -2.06
C GLY A 243 8.28 5.70 -1.95
N GLY A 244 9.57 5.82 -2.24
CA GLY A 244 10.47 4.68 -2.19
C GLY A 244 10.57 3.96 -0.86
N GLY A 245 10.24 4.66 0.22
CA GLY A 245 10.33 4.05 1.53
C GLY A 245 11.62 4.49 2.21
N THR A 246 11.58 4.56 3.53
CA THR A 246 12.71 4.97 4.33
C THR A 246 12.95 3.91 5.37
N LYS A 247 14.14 3.32 5.36
CA LYS A 247 14.50 2.28 6.31
C LYS A 247 15.05 2.90 7.61
N LEU A 248 14.31 2.74 8.70
CA LEU A 248 14.76 3.27 9.98
C LEU A 248 15.20 2.09 10.83
N GLU A 249 16.51 1.96 10.97
CA GLU A 249 17.11 0.86 11.74
C GLU A 249 18.23 1.26 12.68
N ILE A 250 18.69 0.26 13.43
CA ILE A 250 19.76 0.40 14.41
C ILE A 250 21.15 0.37 13.79
N LYS A 251 22.08 1.10 14.42
CA LYS A 251 23.45 1.14 13.94
C LYS A 251 24.16 -0.18 14.28
C TRS B . -9.86 2.79 -16.15
C1 TRS B . -10.55 1.44 -16.08
C2 TRS B . -10.19 3.47 -17.49
C3 TRS B . -10.35 3.68 -15.00
N TRS B . -8.42 2.60 -16.06
O1 TRS B . -9.58 0.39 -16.15
O2 TRS B . -11.60 3.64 -17.61
O3 TRS B . -9.60 4.90 -14.99
#